data_243D
# 
_entry.id   243D 
# 
_audit_conform.dict_name       mmcif_pdbx.dic 
_audit_conform.dict_version    5.387 
_audit_conform.dict_location   http://mmcif.pdb.org/dictionaries/ascii/mmcif_pdbx.dic 
# 
loop_
_database_2.database_id 
_database_2.database_code 
_database_2.pdbx_database_accession 
_database_2.pdbx_DOI 
PDB   243D         pdb_0000243d 10.2210/pdb243d/pdb 
RCSB  ADH070       ?            ?                   
WWPDB D_1000177637 ?            ?                   
# 
loop_
_pdbx_audit_revision_history.ordinal 
_pdbx_audit_revision_history.data_content_type 
_pdbx_audit_revision_history.major_revision 
_pdbx_audit_revision_history.minor_revision 
_pdbx_audit_revision_history.revision_date 
1 'Structure model' 1 0 1996-02-26 
2 'Structure model' 1 1 2008-05-22 
3 'Structure model' 1 2 2011-07-13 
4 'Structure model' 1 3 2018-04-04 
5 'Structure model' 1 4 2024-02-14 
# 
_pdbx_audit_revision_details.ordinal             1 
_pdbx_audit_revision_details.revision_ordinal    1 
_pdbx_audit_revision_details.data_content_type   'Structure model' 
_pdbx_audit_revision_details.provider            repository 
_pdbx_audit_revision_details.type                'Initial release' 
_pdbx_audit_revision_details.description         ? 
_pdbx_audit_revision_details.details             ? 
# 
loop_
_pdbx_audit_revision_group.ordinal 
_pdbx_audit_revision_group.revision_ordinal 
_pdbx_audit_revision_group.data_content_type 
_pdbx_audit_revision_group.group 
1 2 'Structure model' 'Version format compliance' 
2 3 'Structure model' 'Version format compliance' 
3 4 'Structure model' 'Data collection'           
4 5 'Structure model' 'Data collection'           
5 5 'Structure model' 'Database references'       
# 
loop_
_pdbx_audit_revision_category.ordinal 
_pdbx_audit_revision_category.revision_ordinal 
_pdbx_audit_revision_category.data_content_type 
_pdbx_audit_revision_category.category 
1 4 'Structure model' diffrn_source  
2 5 'Structure model' chem_comp_atom 
3 5 'Structure model' chem_comp_bond 
4 5 'Structure model' database_2     
# 
loop_
_pdbx_audit_revision_item.ordinal 
_pdbx_audit_revision_item.revision_ordinal 
_pdbx_audit_revision_item.data_content_type 
_pdbx_audit_revision_item.item 
1 4 'Structure model' '_diffrn_source.type'                 
2 5 'Structure model' '_database_2.pdbx_DOI'                
3 5 'Structure model' '_database_2.pdbx_database_accession' 
# 
_pdbx_database_status.status_code                     REL 
_pdbx_database_status.entry_id                        243D 
_pdbx_database_status.recvd_initial_deposition_date   1996-01-10 
_pdbx_database_status.deposit_site                    NDB 
_pdbx_database_status.process_site                    NDB 
_pdbx_database_status.SG_entry                        . 
_pdbx_database_status.pdb_format_compatible           Y 
_pdbx_database_status.status_code_mr                  ? 
_pdbx_database_status.status_code_sf                  ? 
_pdbx_database_status.status_code_cs                  ? 
_pdbx_database_status.methods_development_category    ? 
_pdbx_database_status.status_code_nmr_data            ? 
# 
loop_
_audit_author.name 
_audit_author.pdbx_ordinal 
'Wilcock, D.J.'   1 
'Adams, A.'       2 
'Cardin, C.J.'    3 
'Wakelin, L.P.G.' 4 
# 
_citation.id                        primary 
_citation.title                     'Structure of the DNA octanucleotide d(ACGTACGT)2.' 
_citation.journal_abbrev            'Acta Crystallogr.,Sect.D' 
_citation.journal_volume            52 
_citation.page_first                481 
_citation.page_last                 485 
_citation.year                      1996 
_citation.journal_id_ASTM           ABCRE6 
_citation.country                   DK 
_citation.journal_id_ISSN           0907-4449 
_citation.journal_id_CSD            0766 
_citation.book_publisher            ? 
_citation.pdbx_database_id_PubMed   15299669 
_citation.pdbx_database_id_DOI      10.1107/S0907444995016052 
# 
loop_
_citation_author.citation_id 
_citation_author.name 
_citation_author.ordinal 
_citation_author.identifier_ORCID 
primary 'Wilcock, D.J.' 1 ? 
primary 'Adams, A.'     2 ? 
primary 'Cardin, C.J.'  3 ? 
primary 'Wakelin, L.P.' 4 ? 
# 
loop_
_entity.id 
_entity.type 
_entity.src_method 
_entity.pdbx_description 
_entity.formula_weight 
_entity.pdbx_number_of_molecules 
_entity.pdbx_ec 
_entity.pdbx_mutation 
_entity.pdbx_fragment 
_entity.details 
1 polymer syn 
;DNA (5'-D(*AP*CP*GP*TP*AP*CP*GP*T)-3')
;
2426.617 1  ? ? ? ? 
2 water   nat water                                    18.015   20 ? ? ? ? 
# 
_entity_poly.entity_id                      1 
_entity_poly.type                           polydeoxyribonucleotide 
_entity_poly.nstd_linkage                   no 
_entity_poly.nstd_monomer                   no 
_entity_poly.pdbx_seq_one_letter_code       '(DA)(DC)(DG)(DT)(DA)(DC)(DG)(DT)' 
_entity_poly.pdbx_seq_one_letter_code_can   ACGTACGT 
_entity_poly.pdbx_strand_id                 A 
_entity_poly.pdbx_target_identifier         ? 
# 
_pdbx_entity_nonpoly.entity_id   2 
_pdbx_entity_nonpoly.name        water 
_pdbx_entity_nonpoly.comp_id     HOH 
# 
loop_
_entity_poly_seq.entity_id 
_entity_poly_seq.num 
_entity_poly_seq.mon_id 
_entity_poly_seq.hetero 
1 1 DA n 
1 2 DC n 
1 3 DG n 
1 4 DT n 
1 5 DA n 
1 6 DC n 
1 7 DG n 
1 8 DT n 
# 
loop_
_chem_comp.id 
_chem_comp.type 
_chem_comp.mon_nstd_flag 
_chem_comp.name 
_chem_comp.pdbx_synonyms 
_chem_comp.formula 
_chem_comp.formula_weight 
DA  'DNA linking' y "2'-DEOXYADENOSINE-5'-MONOPHOSPHATE" ? 'C10 H14 N5 O6 P' 331.222 
DC  'DNA linking' y "2'-DEOXYCYTIDINE-5'-MONOPHOSPHATE"  ? 'C9 H14 N3 O7 P'  307.197 
DG  'DNA linking' y "2'-DEOXYGUANOSINE-5'-MONOPHOSPHATE" ? 'C10 H14 N5 O7 P' 347.221 
DT  'DNA linking' y "THYMIDINE-5'-MONOPHOSPHATE"         ? 'C10 H15 N2 O8 P' 322.208 
HOH non-polymer   . WATER                                ? 'H2 O'            18.015  
# 
loop_
_pdbx_poly_seq_scheme.asym_id 
_pdbx_poly_seq_scheme.entity_id 
_pdbx_poly_seq_scheme.seq_id 
_pdbx_poly_seq_scheme.mon_id 
_pdbx_poly_seq_scheme.ndb_seq_num 
_pdbx_poly_seq_scheme.pdb_seq_num 
_pdbx_poly_seq_scheme.auth_seq_num 
_pdbx_poly_seq_scheme.pdb_mon_id 
_pdbx_poly_seq_scheme.auth_mon_id 
_pdbx_poly_seq_scheme.pdb_strand_id 
_pdbx_poly_seq_scheme.pdb_ins_code 
_pdbx_poly_seq_scheme.hetero 
A 1 1 DA 1 1 1 DA A A . n 
A 1 2 DC 2 2 2 DC C A . n 
A 1 3 DG 3 3 3 DG G A . n 
A 1 4 DT 4 4 4 DT T A . n 
A 1 5 DA 5 5 5 DA A A . n 
A 1 6 DC 6 6 6 DC C A . n 
A 1 7 DG 7 7 7 DG G A . n 
A 1 8 DT 8 8 8 DT T A . n 
# 
loop_
_pdbx_nonpoly_scheme.asym_id 
_pdbx_nonpoly_scheme.entity_id 
_pdbx_nonpoly_scheme.mon_id 
_pdbx_nonpoly_scheme.ndb_seq_num 
_pdbx_nonpoly_scheme.pdb_seq_num 
_pdbx_nonpoly_scheme.auth_seq_num 
_pdbx_nonpoly_scheme.pdb_mon_id 
_pdbx_nonpoly_scheme.auth_mon_id 
_pdbx_nonpoly_scheme.pdb_strand_id 
_pdbx_nonpoly_scheme.pdb_ins_code 
B 2 HOH 1  9  9  HOH HOH A . 
B 2 HOH 2  10 10 HOH HOH A . 
B 2 HOH 3  11 11 HOH HOH A . 
B 2 HOH 4  12 12 HOH HOH A . 
B 2 HOH 5  13 13 HOH HOH A . 
B 2 HOH 6  14 14 HOH HOH A . 
B 2 HOH 7  15 15 HOH HOH A . 
B 2 HOH 8  16 16 HOH HOH A . 
B 2 HOH 9  17 17 HOH HOH A . 
B 2 HOH 10 18 18 HOH HOH A . 
B 2 HOH 11 19 19 HOH HOH A . 
B 2 HOH 12 20 20 HOH HOH A . 
B 2 HOH 13 21 21 HOH HOH A . 
B 2 HOH 14 22 22 HOH HOH A . 
B 2 HOH 15 23 23 HOH HOH A . 
B 2 HOH 16 24 24 HOH HOH A . 
B 2 HOH 17 25 25 HOH HOH A . 
B 2 HOH 18 26 26 HOH HOH A . 
B 2 HOH 19 27 27 HOH HOH A . 
B 2 HOH 20 28 28 HOH HOH A . 
# 
loop_
_software.name 
_software.classification 
_software.version 
_software.citation_id 
_software.pdbx_ordinal 
X-PLOR refinement       3.0 ? 1 
XDS    'data reduction' .   ? 2 
# 
_cell.entry_id           243D 
_cell.length_a           42.845 
_cell.length_b           42.845 
_cell.length_c           24.804 
_cell.angle_alpha        90.00 
_cell.angle_beta         90.00 
_cell.angle_gamma        90.00 
_cell.Z_PDB              8 
_cell.pdbx_unique_axis   ? 
# 
_symmetry.entry_id                         243D 
_symmetry.space_group_name_H-M             'P 43 21 2' 
_symmetry.pdbx_full_space_group_name_H-M   ? 
_symmetry.cell_setting                     ? 
_symmetry.Int_Tables_number                96 
# 
_exptl.entry_id          243D 
_exptl.method            'X-RAY DIFFRACTION' 
_exptl.crystals_number   ? 
# 
_exptl_crystal.id                    1 
_exptl_crystal.density_meas          ? 
_exptl_crystal.density_Matthews      2.35 
_exptl_crystal.density_percent_sol   47.56 
_exptl_crystal.description           ? 
# 
_exptl_crystal_grow.crystal_id      1 
_exptl_crystal_grow.method          'VAPOR DIFFUSION, HANGING DROP' 
_exptl_crystal_grow.temp            291.00 
_exptl_crystal_grow.temp_details    ? 
_exptl_crystal_grow.pH              7.00 
_exptl_crystal_grow.pdbx_details    'pH 7.00, VAPOR DIFFUSION, HANGING DROP, temperature 291.00K' 
_exptl_crystal_grow.pdbx_pH_range   ? 
# 
loop_
_exptl_crystal_grow_comp.crystal_id 
_exptl_crystal_grow_comp.id 
_exptl_crystal_grow_comp.sol_id 
_exptl_crystal_grow_comp.name 
_exptl_crystal_grow_comp.volume 
_exptl_crystal_grow_comp.conc 
_exptl_crystal_grow_comp.details 
1 1 1 WATER        ? ? ? 
1 2 1 MPD          ? ? ? 
1 3 1 CACODYLATE   ? ? ? 
1 4 1 'MG ACETATE' ? ? ? 
1 5 1 SPERMINE_HCL ? ? ? 
1 6 2 WATER        ? ? ? 
1 7 2 MPD          ? ? ? 
# 
_diffrn.id                     1 
_diffrn.ambient_temp           295.00 
_diffrn.ambient_temp_details   ? 
_diffrn.crystal_id             1 
# 
_diffrn_detector.diffrn_id              1 
_diffrn_detector.detector               'IMAGE PLATE' 
_diffrn_detector.type                   MARRESEARCH 
_diffrn_detector.pdbx_collection_date   1993-10-04 
_diffrn_detector.details                ? 
# 
_diffrn_radiation.diffrn_id                        1 
_diffrn_radiation.wavelength_id                    1 
_diffrn_radiation.pdbx_monochromatic_or_laue_m_l   ? 
_diffrn_radiation.monochromator                    ? 
_diffrn_radiation.pdbx_diffrn_protocol             ? 
_diffrn_radiation.pdbx_scattering_type             x-ray 
# 
_diffrn_radiation_wavelength.id           1 
_diffrn_radiation_wavelength.wavelength   0.7107 
_diffrn_radiation_wavelength.wt           1.0 
# 
_diffrn_source.diffrn_id                   1 
_diffrn_source.source                      'SEALED TUBE' 
_diffrn_source.type                        OTHER 
_diffrn_source.pdbx_synchrotron_site       ? 
_diffrn_source.pdbx_synchrotron_beamline   ? 
_diffrn_source.pdbx_wavelength             0.7107 
_diffrn_source.pdbx_wavelength_list        ? 
# 
_reflns.entry_id                     243D 
_reflns.observed_criterion_sigma_I   1.000 
_reflns.observed_criterion_sigma_F   ? 
_reflns.d_resolution_low             9.000 
_reflns.d_resolution_high            1.500 
_reflns.number_obs                   3962 
_reflns.number_all                   24514 
_reflns.percent_possible_obs         88.700 
_reflns.pdbx_Rmerge_I_obs            0.0883000 
_reflns.pdbx_Rsym_value              ? 
_reflns.pdbx_netI_over_sigmaI        ? 
_reflns.B_iso_Wilson_estimate        ? 
_reflns.pdbx_redundancy              ? 
_reflns.pdbx_diffrn_id               1 
_reflns.pdbx_ordinal                 1 
# 
_refine.entry_id                                 243D 
_refine.ls_number_reflns_obs                     1994 
_refine.ls_number_reflns_all                     ? 
_refine.pdbx_ls_sigma_I                          ? 
_refine.pdbx_ls_sigma_F                          1.000 
_refine.pdbx_data_cutoff_high_absF               ? 
_refine.pdbx_data_cutoff_low_absF                ? 
_refine.pdbx_data_cutoff_high_rms_absF           ? 
_refine.ls_d_res_low                             5.000 
_refine.ls_d_res_high                            1.900 
_refine.ls_percent_reflns_obs                    97.700 
_refine.ls_R_factor_obs                          0.1770000 
_refine.ls_R_factor_all                          ? 
_refine.ls_R_factor_R_work                       0.1770000 
_refine.ls_R_factor_R_free                       ? 
_refine.ls_R_factor_R_free_error                 ? 
_refine.ls_R_factor_R_free_error_details         ? 
_refine.ls_percent_reflns_R_free                 ? 
_refine.ls_number_reflns_R_free                  ? 
_refine.ls_number_parameters                     ? 
_refine.ls_number_restraints                     ? 
_refine.occupancy_min                            ? 
_refine.occupancy_max                            ? 
_refine.B_iso_mean                               ? 
_refine.aniso_B[1][1]                            ? 
_refine.aniso_B[2][2]                            ? 
_refine.aniso_B[3][3]                            ? 
_refine.aniso_B[1][2]                            ? 
_refine.aniso_B[1][3]                            ? 
_refine.aniso_B[2][3]                            ? 
_refine.solvent_model_details                    ? 
_refine.solvent_model_param_ksol                 ? 
_refine.solvent_model_param_bsol                 ? 
_refine.pdbx_ls_cross_valid_method               ? 
_refine.details                                  ? 
_refine.pdbx_starting_model                      ? 
_refine.pdbx_method_to_determine_struct          ? 
_refine.pdbx_isotropic_thermal_model             ? 
_refine.pdbx_stereochemistry_target_values       ? 
_refine.pdbx_stereochem_target_val_spec_case     ? 
_refine.pdbx_R_Free_selection_details            ? 
_refine.pdbx_overall_ESU_R                       ? 
_refine.pdbx_overall_ESU_R_Free                  ? 
_refine.overall_SU_ML                            ? 
_refine.overall_SU_B                             ? 
_refine.pdbx_refine_id                           'X-RAY DIFFRACTION' 
_refine.pdbx_diffrn_id                           1 
_refine.pdbx_TLS_residual_ADP_flag               ? 
_refine.correlation_coeff_Fo_to_Fc               ? 
_refine.correlation_coeff_Fo_to_Fc_free          ? 
_refine.pdbx_solvent_vdw_probe_radii             ? 
_refine.pdbx_solvent_ion_probe_radii             ? 
_refine.pdbx_solvent_shrinkage_radii             ? 
_refine.pdbx_overall_phase_error                 ? 
_refine.overall_SU_R_Cruickshank_DPI             ? 
_refine.pdbx_overall_SU_R_free_Cruickshank_DPI   ? 
_refine.pdbx_overall_SU_R_Blow_DPI               ? 
_refine.pdbx_overall_SU_R_free_Blow_DPI          ? 
# 
_refine_hist.pdbx_refine_id                   'X-RAY DIFFRACTION' 
_refine_hist.cycle_id                         LAST 
_refine_hist.pdbx_number_atoms_protein        0 
_refine_hist.pdbx_number_atoms_nucleic_acid   161 
_refine_hist.pdbx_number_atoms_ligand         0 
_refine_hist.number_atoms_solvent             20 
_refine_hist.number_atoms_total               181 
_refine_hist.d_res_high                       1.900 
_refine_hist.d_res_low                        5.000 
# 
loop_
_refine_ls_restr.type 
_refine_ls_restr.dev_ideal 
_refine_ls_restr.dev_ideal_target 
_refine_ls_restr.weight 
_refine_ls_restr.number 
_refine_ls_restr.pdbx_refine_id 
_refine_ls_restr.pdbx_restraint_function 
x_bond_d                0.010 ? ? ? 'X-RAY DIFFRACTION' ? 
x_bond_d_na             ?     ? ? ? 'X-RAY DIFFRACTION' ? 
x_bond_d_prot           ?     ? ? ? 'X-RAY DIFFRACTION' ? 
x_angle_d               ?     ? ? ? 'X-RAY DIFFRACTION' ? 
x_angle_d_na            ?     ? ? ? 'X-RAY DIFFRACTION' ? 
x_angle_d_prot          ?     ? ? ? 'X-RAY DIFFRACTION' ? 
x_angle_deg             3.47  ? ? ? 'X-RAY DIFFRACTION' ? 
x_angle_deg_na          ?     ? ? ? 'X-RAY DIFFRACTION' ? 
x_angle_deg_prot        ?     ? ? ? 'X-RAY DIFFRACTION' ? 
x_dihedral_angle_d      ?     ? ? ? 'X-RAY DIFFRACTION' ? 
x_dihedral_angle_d_na   ?     ? ? ? 'X-RAY DIFFRACTION' ? 
x_dihedral_angle_d_prot ?     ? ? ? 'X-RAY DIFFRACTION' ? 
x_improper_angle_d      ?     ? ? ? 'X-RAY DIFFRACTION' ? 
x_improper_angle_d_na   ?     ? ? ? 'X-RAY DIFFRACTION' ? 
x_improper_angle_d_prot ?     ? ? ? 'X-RAY DIFFRACTION' ? 
x_mcbond_it             ?     ? ? ? 'X-RAY DIFFRACTION' ? 
x_mcangle_it            ?     ? ? ? 'X-RAY DIFFRACTION' ? 
x_scbond_it             ?     ? ? ? 'X-RAY DIFFRACTION' ? 
x_scangle_it            ?     ? ? ? 'X-RAY DIFFRACTION' ? 
# 
_struct.entry_id                  243D 
_struct.title                     'STRUCTURE OF THE DNA OCTANUCLEOTIDE D(ACGTACGT)2' 
_struct.pdbx_model_details        ? 
_struct.pdbx_CASP_flag            ? 
_struct.pdbx_model_type_details   ? 
# 
_struct_keywords.entry_id        243D 
_struct_keywords.pdbx_keywords   DNA 
_struct_keywords.text            'A-DNA, DOUBLE HELIX, DNA' 
# 
loop_
_struct_asym.id 
_struct_asym.pdbx_blank_PDB_chainid_flag 
_struct_asym.pdbx_modified 
_struct_asym.entity_id 
_struct_asym.details 
A N N 1 ? 
B N N 2 ? 
# 
_struct_ref.id                         1 
_struct_ref.entity_id                  1 
_struct_ref.db_name                    PDB 
_struct_ref.db_code                    243D 
_struct_ref.pdbx_db_accession          243D 
_struct_ref.pdbx_db_isoform            ? 
_struct_ref.pdbx_seq_one_letter_code   ? 
_struct_ref.pdbx_align_begin           ? 
# 
_struct_ref_seq.align_id                      1 
_struct_ref_seq.ref_id                        1 
_struct_ref_seq.pdbx_PDB_id_code              243D 
_struct_ref_seq.pdbx_strand_id                A 
_struct_ref_seq.seq_align_beg                 1 
_struct_ref_seq.pdbx_seq_align_beg_ins_code   ? 
_struct_ref_seq.seq_align_end                 8 
_struct_ref_seq.pdbx_seq_align_end_ins_code   ? 
_struct_ref_seq.pdbx_db_accession             243D 
_struct_ref_seq.db_align_beg                  1 
_struct_ref_seq.pdbx_db_align_beg_ins_code    ? 
_struct_ref_seq.db_align_end                  8 
_struct_ref_seq.pdbx_db_align_end_ins_code    ? 
_struct_ref_seq.pdbx_auth_seq_align_beg       1 
_struct_ref_seq.pdbx_auth_seq_align_end       8 
# 
_pdbx_struct_assembly.id                   1 
_pdbx_struct_assembly.details              author_defined_assembly 
_pdbx_struct_assembly.method_details       ? 
_pdbx_struct_assembly.oligomeric_details   dimeric 
_pdbx_struct_assembly.oligomeric_count     2 
# 
_pdbx_struct_assembly_gen.assembly_id       1 
_pdbx_struct_assembly_gen.oper_expression   1,2 
_pdbx_struct_assembly_gen.asym_id_list      A,B 
# 
loop_
_pdbx_struct_oper_list.id 
_pdbx_struct_oper_list.type 
_pdbx_struct_oper_list.name 
_pdbx_struct_oper_list.symmetry_operation 
_pdbx_struct_oper_list.matrix[1][1] 
_pdbx_struct_oper_list.matrix[1][2] 
_pdbx_struct_oper_list.matrix[1][3] 
_pdbx_struct_oper_list.vector[1] 
_pdbx_struct_oper_list.matrix[2][1] 
_pdbx_struct_oper_list.matrix[2][2] 
_pdbx_struct_oper_list.matrix[2][3] 
_pdbx_struct_oper_list.vector[2] 
_pdbx_struct_oper_list.matrix[3][1] 
_pdbx_struct_oper_list.matrix[3][2] 
_pdbx_struct_oper_list.matrix[3][3] 
_pdbx_struct_oper_list.vector[3] 
1 'identity operation'         1_555 x,y,z  1.0000000000  0.0000000000 0.0000000000 0.0000000000  0.0000000000 1.0000000000  0.0000000000 0.0000000000 0.0000000000 0.0000000000 1.0000000000  0.0000000000 
2 'crystal symmetry operation' 7_555 y,x,-z -0.3080139755 0.7926468442 0.5261543227 -3.2769180854 0.7926468442 -0.0920495540 0.6026921768 0.2934008583 0.5261543227 0.6026921768 -0.5999364705 3.8677212490 
# 
_struct_biol.id   1 
# 
loop_
_struct_conn.id 
_struct_conn.conn_type_id 
_struct_conn.pdbx_leaving_atom_flag 
_struct_conn.pdbx_PDB_id 
_struct_conn.ptnr1_label_asym_id 
_struct_conn.ptnr1_label_comp_id 
_struct_conn.ptnr1_label_seq_id 
_struct_conn.ptnr1_label_atom_id 
_struct_conn.pdbx_ptnr1_label_alt_id 
_struct_conn.pdbx_ptnr1_PDB_ins_code 
_struct_conn.pdbx_ptnr1_standard_comp_id 
_struct_conn.ptnr1_symmetry 
_struct_conn.ptnr2_label_asym_id 
_struct_conn.ptnr2_label_comp_id 
_struct_conn.ptnr2_label_seq_id 
_struct_conn.ptnr2_label_atom_id 
_struct_conn.pdbx_ptnr2_label_alt_id 
_struct_conn.pdbx_ptnr2_PDB_ins_code 
_struct_conn.ptnr1_auth_asym_id 
_struct_conn.ptnr1_auth_comp_id 
_struct_conn.ptnr1_auth_seq_id 
_struct_conn.ptnr2_auth_asym_id 
_struct_conn.ptnr2_auth_comp_id 
_struct_conn.ptnr2_auth_seq_id 
_struct_conn.ptnr2_symmetry 
_struct_conn.pdbx_ptnr3_label_atom_id 
_struct_conn.pdbx_ptnr3_label_seq_id 
_struct_conn.pdbx_ptnr3_label_comp_id 
_struct_conn.pdbx_ptnr3_label_asym_id 
_struct_conn.pdbx_ptnr3_label_alt_id 
_struct_conn.pdbx_ptnr3_PDB_ins_code 
_struct_conn.details 
_struct_conn.pdbx_dist_value 
_struct_conn.pdbx_value_order 
_struct_conn.pdbx_role 
hydrog1  hydrog ? ? A DA 1 N1 ? ? ? 1_555 A DT 8 N3 ? ? A DA 1 A DT 8 7_555 ? ? ? ? ? ? WATSON-CRICK ? ? ? 
hydrog2  hydrog ? ? A DA 1 N6 ? ? ? 1_555 A DT 8 O4 ? ? A DA 1 A DT 8 7_555 ? ? ? ? ? ? WATSON-CRICK ? ? ? 
hydrog3  hydrog ? ? A DC 2 N3 ? ? ? 1_555 A DG 7 N1 ? ? A DC 2 A DG 7 7_555 ? ? ? ? ? ? WATSON-CRICK ? ? ? 
hydrog4  hydrog ? ? A DC 2 N4 ? ? ? 1_555 A DG 7 O6 ? ? A DC 2 A DG 7 7_555 ? ? ? ? ? ? WATSON-CRICK ? ? ? 
hydrog5  hydrog ? ? A DC 2 O2 ? ? ? 1_555 A DG 7 N2 ? ? A DC 2 A DG 7 7_555 ? ? ? ? ? ? WATSON-CRICK ? ? ? 
hydrog6  hydrog ? ? A DG 3 N1 ? ? ? 1_555 A DC 6 N3 ? ? A DG 3 A DC 6 7_555 ? ? ? ? ? ? WATSON-CRICK ? ? ? 
hydrog7  hydrog ? ? A DG 3 N2 ? ? ? 1_555 A DC 6 O2 ? ? A DG 3 A DC 6 7_555 ? ? ? ? ? ? WATSON-CRICK ? ? ? 
hydrog8  hydrog ? ? A DG 3 O6 ? ? ? 1_555 A DC 6 N4 ? ? A DG 3 A DC 6 7_555 ? ? ? ? ? ? WATSON-CRICK ? ? ? 
hydrog9  hydrog ? ? A DT 4 N3 ? ? ? 1_555 A DA 5 N1 ? ? A DT 4 A DA 5 7_555 ? ? ? ? ? ? WATSON-CRICK ? ? ? 
hydrog10 hydrog ? ? A DT 4 O4 ? ? ? 1_555 A DA 5 N6 ? ? A DT 4 A DA 5 7_555 ? ? ? ? ? ? WATSON-CRICK ? ? ? 
hydrog11 hydrog ? ? A DA 5 N1 ? ? ? 1_555 A DT 4 N3 ? ? A DA 5 A DT 4 7_555 ? ? ? ? ? ? WATSON-CRICK ? ? ? 
hydrog12 hydrog ? ? A DA 5 N6 ? ? ? 1_555 A DT 4 O4 ? ? A DA 5 A DT 4 7_555 ? ? ? ? ? ? WATSON-CRICK ? ? ? 
hydrog13 hydrog ? ? A DC 6 N3 ? ? ? 1_555 A DG 3 N1 ? ? A DC 6 A DG 3 7_555 ? ? ? ? ? ? WATSON-CRICK ? ? ? 
hydrog14 hydrog ? ? A DC 6 N4 ? ? ? 1_555 A DG 3 O6 ? ? A DC 6 A DG 3 7_555 ? ? ? ? ? ? WATSON-CRICK ? ? ? 
hydrog15 hydrog ? ? A DC 6 O2 ? ? ? 1_555 A DG 3 N2 ? ? A DC 6 A DG 3 7_555 ? ? ? ? ? ? WATSON-CRICK ? ? ? 
hydrog16 hydrog ? ? A DG 7 N1 ? ? ? 1_555 A DC 2 N3 ? ? A DG 7 A DC 2 7_555 ? ? ? ? ? ? WATSON-CRICK ? ? ? 
hydrog17 hydrog ? ? A DG 7 N2 ? ? ? 1_555 A DC 2 O2 ? ? A DG 7 A DC 2 7_555 ? ? ? ? ? ? WATSON-CRICK ? ? ? 
hydrog18 hydrog ? ? A DG 7 O6 ? ? ? 1_555 A DC 2 N4 ? ? A DG 7 A DC 2 7_555 ? ? ? ? ? ? WATSON-CRICK ? ? ? 
hydrog19 hydrog ? ? A DT 8 N3 ? ? ? 1_555 A DA 1 N1 ? ? A DT 8 A DA 1 7_555 ? ? ? ? ? ? WATSON-CRICK ? ? ? 
hydrog20 hydrog ? ? A DT 8 O4 ? ? ? 1_555 A DA 1 N6 ? ? A DT 8 A DA 1 7_555 ? ? ? ? ? ? WATSON-CRICK ? ? ? 
# 
_struct_conn_type.id          hydrog 
_struct_conn_type.criteria    ? 
_struct_conn_type.reference   ? 
# 
loop_
_pdbx_validate_rmsd_angle.id 
_pdbx_validate_rmsd_angle.PDB_model_num 
_pdbx_validate_rmsd_angle.auth_atom_id_1 
_pdbx_validate_rmsd_angle.auth_asym_id_1 
_pdbx_validate_rmsd_angle.auth_comp_id_1 
_pdbx_validate_rmsd_angle.auth_seq_id_1 
_pdbx_validate_rmsd_angle.PDB_ins_code_1 
_pdbx_validate_rmsd_angle.label_alt_id_1 
_pdbx_validate_rmsd_angle.auth_atom_id_2 
_pdbx_validate_rmsd_angle.auth_asym_id_2 
_pdbx_validate_rmsd_angle.auth_comp_id_2 
_pdbx_validate_rmsd_angle.auth_seq_id_2 
_pdbx_validate_rmsd_angle.PDB_ins_code_2 
_pdbx_validate_rmsd_angle.label_alt_id_2 
_pdbx_validate_rmsd_angle.auth_atom_id_3 
_pdbx_validate_rmsd_angle.auth_asym_id_3 
_pdbx_validate_rmsd_angle.auth_comp_id_3 
_pdbx_validate_rmsd_angle.auth_seq_id_3 
_pdbx_validate_rmsd_angle.PDB_ins_code_3 
_pdbx_validate_rmsd_angle.label_alt_id_3 
_pdbx_validate_rmsd_angle.angle_value 
_pdbx_validate_rmsd_angle.angle_target_value 
_pdbx_validate_rmsd_angle.angle_deviation 
_pdbx_validate_rmsd_angle.angle_standard_deviation 
_pdbx_validate_rmsd_angle.linker_flag 
1 1 "C4'" A DA 1 ? ? "C3'" A DA 1 ? ? "C2'" A DA 1 ? ? 96.06  102.20 -6.14 0.70 N 
2 1 "C4'" A DC 2 ? ? "C3'" A DC 2 ? ? "C2'" A DC 2 ? ? 97.34  102.20 -4.86 0.70 N 
3 1 "O4'" A DC 2 ? ? "C1'" A DC 2 ? ? N1    A DC 2 ? ? 111.45 108.30 3.15  0.30 N 
4 1 "C4'" A DC 6 ? ? "C3'" A DC 6 ? ? "C2'" A DC 6 ? ? 96.82  102.20 -5.38 0.70 N 
5 1 "C4'" A DG 7 ? ? "C3'" A DG 7 ? ? "C2'" A DG 7 ? ? 96.49  102.20 -5.71 0.70 N 
6 1 "O4'" A DG 7 ? ? "C1'" A DG 7 ? ? N9    A DG 7 ? ? 110.94 108.30 2.64  0.30 N 
7 1 "O4'" A DT 8 ? ? "C1'" A DT 8 ? ? N1    A DT 8 ? ? 112.79 108.30 4.49  0.30 N 
8 1 C6    A DT 8 ? ? C5    A DT 8 ? ? C7    A DT 8 ? ? 119.16 122.90 -3.74 0.60 N 
# 
loop_
_pdbx_validate_planes.id 
_pdbx_validate_planes.PDB_model_num 
_pdbx_validate_planes.auth_comp_id 
_pdbx_validate_planes.auth_asym_id 
_pdbx_validate_planes.auth_seq_id 
_pdbx_validate_planes.PDB_ins_code 
_pdbx_validate_planes.label_alt_id 
_pdbx_validate_planes.rmsd 
_pdbx_validate_planes.type 
1 1 DC A 2 ? ? 0.064 'SIDE CHAIN' 
2 1 DA A 5 ? ? 0.082 'SIDE CHAIN' 
3 1 DT A 8 ? ? 0.066 'SIDE CHAIN' 
# 
loop_
_refine_B_iso.class 
_refine_B_iso.details 
_refine_B_iso.treatment 
_refine_B_iso.pdbx_refine_id 
'ALL ATOMS'  TR isotropic 'X-RAY DIFFRACTION' 
'ALL WATERS' TR isotropic 'X-RAY DIFFRACTION' 
# 
loop_
_refine_occupancy.class 
_refine_occupancy.treatment 
_refine_occupancy.pdbx_refine_id 
'ALL ATOMS'  fix 'X-RAY DIFFRACTION' 
'ALL WATERS' fix 'X-RAY DIFFRACTION' 
# 
loop_
_chem_comp_atom.comp_id 
_chem_comp_atom.atom_id 
_chem_comp_atom.type_symbol 
_chem_comp_atom.pdbx_aromatic_flag 
_chem_comp_atom.pdbx_stereo_config 
_chem_comp_atom.pdbx_ordinal 
DA  OP3    O N N 1   
DA  P      P N N 2   
DA  OP1    O N N 3   
DA  OP2    O N N 4   
DA  "O5'"  O N N 5   
DA  "C5'"  C N N 6   
DA  "C4'"  C N R 7   
DA  "O4'"  O N N 8   
DA  "C3'"  C N S 9   
DA  "O3'"  O N N 10  
DA  "C2'"  C N N 11  
DA  "C1'"  C N R 12  
DA  N9     N Y N 13  
DA  C8     C Y N 14  
DA  N7     N Y N 15  
DA  C5     C Y N 16  
DA  C6     C Y N 17  
DA  N6     N N N 18  
DA  N1     N Y N 19  
DA  C2     C Y N 20  
DA  N3     N Y N 21  
DA  C4     C Y N 22  
DA  HOP3   H N N 23  
DA  HOP2   H N N 24  
DA  "H5'"  H N N 25  
DA  "H5''" H N N 26  
DA  "H4'"  H N N 27  
DA  "H3'"  H N N 28  
DA  "HO3'" H N N 29  
DA  "H2'"  H N N 30  
DA  "H2''" H N N 31  
DA  "H1'"  H N N 32  
DA  H8     H N N 33  
DA  H61    H N N 34  
DA  H62    H N N 35  
DA  H2     H N N 36  
DC  OP3    O N N 37  
DC  P      P N N 38  
DC  OP1    O N N 39  
DC  OP2    O N N 40  
DC  "O5'"  O N N 41  
DC  "C5'"  C N N 42  
DC  "C4'"  C N R 43  
DC  "O4'"  O N N 44  
DC  "C3'"  C N S 45  
DC  "O3'"  O N N 46  
DC  "C2'"  C N N 47  
DC  "C1'"  C N R 48  
DC  N1     N N N 49  
DC  C2     C N N 50  
DC  O2     O N N 51  
DC  N3     N N N 52  
DC  C4     C N N 53  
DC  N4     N N N 54  
DC  C5     C N N 55  
DC  C6     C N N 56  
DC  HOP3   H N N 57  
DC  HOP2   H N N 58  
DC  "H5'"  H N N 59  
DC  "H5''" H N N 60  
DC  "H4'"  H N N 61  
DC  "H3'"  H N N 62  
DC  "HO3'" H N N 63  
DC  "H2'"  H N N 64  
DC  "H2''" H N N 65  
DC  "H1'"  H N N 66  
DC  H41    H N N 67  
DC  H42    H N N 68  
DC  H5     H N N 69  
DC  H6     H N N 70  
DG  OP3    O N N 71  
DG  P      P N N 72  
DG  OP1    O N N 73  
DG  OP2    O N N 74  
DG  "O5'"  O N N 75  
DG  "C5'"  C N N 76  
DG  "C4'"  C N R 77  
DG  "O4'"  O N N 78  
DG  "C3'"  C N S 79  
DG  "O3'"  O N N 80  
DG  "C2'"  C N N 81  
DG  "C1'"  C N R 82  
DG  N9     N Y N 83  
DG  C8     C Y N 84  
DG  N7     N Y N 85  
DG  C5     C Y N 86  
DG  C6     C N N 87  
DG  O6     O N N 88  
DG  N1     N N N 89  
DG  C2     C N N 90  
DG  N2     N N N 91  
DG  N3     N N N 92  
DG  C4     C Y N 93  
DG  HOP3   H N N 94  
DG  HOP2   H N N 95  
DG  "H5'"  H N N 96  
DG  "H5''" H N N 97  
DG  "H4'"  H N N 98  
DG  "H3'"  H N N 99  
DG  "HO3'" H N N 100 
DG  "H2'"  H N N 101 
DG  "H2''" H N N 102 
DG  "H1'"  H N N 103 
DG  H8     H N N 104 
DG  H1     H N N 105 
DG  H21    H N N 106 
DG  H22    H N N 107 
DT  OP3    O N N 108 
DT  P      P N N 109 
DT  OP1    O N N 110 
DT  OP2    O N N 111 
DT  "O5'"  O N N 112 
DT  "C5'"  C N N 113 
DT  "C4'"  C N R 114 
DT  "O4'"  O N N 115 
DT  "C3'"  C N S 116 
DT  "O3'"  O N N 117 
DT  "C2'"  C N N 118 
DT  "C1'"  C N R 119 
DT  N1     N N N 120 
DT  C2     C N N 121 
DT  O2     O N N 122 
DT  N3     N N N 123 
DT  C4     C N N 124 
DT  O4     O N N 125 
DT  C5     C N N 126 
DT  C7     C N N 127 
DT  C6     C N N 128 
DT  HOP3   H N N 129 
DT  HOP2   H N N 130 
DT  "H5'"  H N N 131 
DT  "H5''" H N N 132 
DT  "H4'"  H N N 133 
DT  "H3'"  H N N 134 
DT  "HO3'" H N N 135 
DT  "H2'"  H N N 136 
DT  "H2''" H N N 137 
DT  "H1'"  H N N 138 
DT  H3     H N N 139 
DT  H71    H N N 140 
DT  H72    H N N 141 
DT  H73    H N N 142 
DT  H6     H N N 143 
HOH O      O N N 144 
HOH H1     H N N 145 
HOH H2     H N N 146 
# 
loop_
_chem_comp_bond.comp_id 
_chem_comp_bond.atom_id_1 
_chem_comp_bond.atom_id_2 
_chem_comp_bond.value_order 
_chem_comp_bond.pdbx_aromatic_flag 
_chem_comp_bond.pdbx_stereo_config 
_chem_comp_bond.pdbx_ordinal 
DA  OP3   P      sing N N 1   
DA  OP3   HOP3   sing N N 2   
DA  P     OP1    doub N N 3   
DA  P     OP2    sing N N 4   
DA  P     "O5'"  sing N N 5   
DA  OP2   HOP2   sing N N 6   
DA  "O5'" "C5'"  sing N N 7   
DA  "C5'" "C4'"  sing N N 8   
DA  "C5'" "H5'"  sing N N 9   
DA  "C5'" "H5''" sing N N 10  
DA  "C4'" "O4'"  sing N N 11  
DA  "C4'" "C3'"  sing N N 12  
DA  "C4'" "H4'"  sing N N 13  
DA  "O4'" "C1'"  sing N N 14  
DA  "C3'" "O3'"  sing N N 15  
DA  "C3'" "C2'"  sing N N 16  
DA  "C3'" "H3'"  sing N N 17  
DA  "O3'" "HO3'" sing N N 18  
DA  "C2'" "C1'"  sing N N 19  
DA  "C2'" "H2'"  sing N N 20  
DA  "C2'" "H2''" sing N N 21  
DA  "C1'" N9     sing N N 22  
DA  "C1'" "H1'"  sing N N 23  
DA  N9    C8     sing Y N 24  
DA  N9    C4     sing Y N 25  
DA  C8    N7     doub Y N 26  
DA  C8    H8     sing N N 27  
DA  N7    C5     sing Y N 28  
DA  C5    C6     sing Y N 29  
DA  C5    C4     doub Y N 30  
DA  C6    N6     sing N N 31  
DA  C6    N1     doub Y N 32  
DA  N6    H61    sing N N 33  
DA  N6    H62    sing N N 34  
DA  N1    C2     sing Y N 35  
DA  C2    N3     doub Y N 36  
DA  C2    H2     sing N N 37  
DA  N3    C4     sing Y N 38  
DC  OP3   P      sing N N 39  
DC  OP3   HOP3   sing N N 40  
DC  P     OP1    doub N N 41  
DC  P     OP2    sing N N 42  
DC  P     "O5'"  sing N N 43  
DC  OP2   HOP2   sing N N 44  
DC  "O5'" "C5'"  sing N N 45  
DC  "C5'" "C4'"  sing N N 46  
DC  "C5'" "H5'"  sing N N 47  
DC  "C5'" "H5''" sing N N 48  
DC  "C4'" "O4'"  sing N N 49  
DC  "C4'" "C3'"  sing N N 50  
DC  "C4'" "H4'"  sing N N 51  
DC  "O4'" "C1'"  sing N N 52  
DC  "C3'" "O3'"  sing N N 53  
DC  "C3'" "C2'"  sing N N 54  
DC  "C3'" "H3'"  sing N N 55  
DC  "O3'" "HO3'" sing N N 56  
DC  "C2'" "C1'"  sing N N 57  
DC  "C2'" "H2'"  sing N N 58  
DC  "C2'" "H2''" sing N N 59  
DC  "C1'" N1     sing N N 60  
DC  "C1'" "H1'"  sing N N 61  
DC  N1    C2     sing N N 62  
DC  N1    C6     sing N N 63  
DC  C2    O2     doub N N 64  
DC  C2    N3     sing N N 65  
DC  N3    C4     doub N N 66  
DC  C4    N4     sing N N 67  
DC  C4    C5     sing N N 68  
DC  N4    H41    sing N N 69  
DC  N4    H42    sing N N 70  
DC  C5    C6     doub N N 71  
DC  C5    H5     sing N N 72  
DC  C6    H6     sing N N 73  
DG  OP3   P      sing N N 74  
DG  OP3   HOP3   sing N N 75  
DG  P     OP1    doub N N 76  
DG  P     OP2    sing N N 77  
DG  P     "O5'"  sing N N 78  
DG  OP2   HOP2   sing N N 79  
DG  "O5'" "C5'"  sing N N 80  
DG  "C5'" "C4'"  sing N N 81  
DG  "C5'" "H5'"  sing N N 82  
DG  "C5'" "H5''" sing N N 83  
DG  "C4'" "O4'"  sing N N 84  
DG  "C4'" "C3'"  sing N N 85  
DG  "C4'" "H4'"  sing N N 86  
DG  "O4'" "C1'"  sing N N 87  
DG  "C3'" "O3'"  sing N N 88  
DG  "C3'" "C2'"  sing N N 89  
DG  "C3'" "H3'"  sing N N 90  
DG  "O3'" "HO3'" sing N N 91  
DG  "C2'" "C1'"  sing N N 92  
DG  "C2'" "H2'"  sing N N 93  
DG  "C2'" "H2''" sing N N 94  
DG  "C1'" N9     sing N N 95  
DG  "C1'" "H1'"  sing N N 96  
DG  N9    C8     sing Y N 97  
DG  N9    C4     sing Y N 98  
DG  C8    N7     doub Y N 99  
DG  C8    H8     sing N N 100 
DG  N7    C5     sing Y N 101 
DG  C5    C6     sing N N 102 
DG  C5    C4     doub Y N 103 
DG  C6    O6     doub N N 104 
DG  C6    N1     sing N N 105 
DG  N1    C2     sing N N 106 
DG  N1    H1     sing N N 107 
DG  C2    N2     sing N N 108 
DG  C2    N3     doub N N 109 
DG  N2    H21    sing N N 110 
DG  N2    H22    sing N N 111 
DG  N3    C4     sing N N 112 
DT  OP3   P      sing N N 113 
DT  OP3   HOP3   sing N N 114 
DT  P     OP1    doub N N 115 
DT  P     OP2    sing N N 116 
DT  P     "O5'"  sing N N 117 
DT  OP2   HOP2   sing N N 118 
DT  "O5'" "C5'"  sing N N 119 
DT  "C5'" "C4'"  sing N N 120 
DT  "C5'" "H5'"  sing N N 121 
DT  "C5'" "H5''" sing N N 122 
DT  "C4'" "O4'"  sing N N 123 
DT  "C4'" "C3'"  sing N N 124 
DT  "C4'" "H4'"  sing N N 125 
DT  "O4'" "C1'"  sing N N 126 
DT  "C3'" "O3'"  sing N N 127 
DT  "C3'" "C2'"  sing N N 128 
DT  "C3'" "H3'"  sing N N 129 
DT  "O3'" "HO3'" sing N N 130 
DT  "C2'" "C1'"  sing N N 131 
DT  "C2'" "H2'"  sing N N 132 
DT  "C2'" "H2''" sing N N 133 
DT  "C1'" N1     sing N N 134 
DT  "C1'" "H1'"  sing N N 135 
DT  N1    C2     sing N N 136 
DT  N1    C6     sing N N 137 
DT  C2    O2     doub N N 138 
DT  C2    N3     sing N N 139 
DT  N3    C4     sing N N 140 
DT  N3    H3     sing N N 141 
DT  C4    O4     doub N N 142 
DT  C4    C5     sing N N 143 
DT  C5    C7     sing N N 144 
DT  C5    C6     doub N N 145 
DT  C7    H71    sing N N 146 
DT  C7    H72    sing N N 147 
DT  C7    H73    sing N N 148 
DT  C6    H6     sing N N 149 
HOH O     H1     sing N N 150 
HOH O     H2     sing N N 151 
# 
_ndb_struct_conf_na.entry_id   243D 
_ndb_struct_conf_na.feature    'a-form double helix' 
# 
loop_
_ndb_struct_na_base_pair.model_number 
_ndb_struct_na_base_pair.i_label_asym_id 
_ndb_struct_na_base_pair.i_label_comp_id 
_ndb_struct_na_base_pair.i_label_seq_id 
_ndb_struct_na_base_pair.i_symmetry 
_ndb_struct_na_base_pair.j_label_asym_id 
_ndb_struct_na_base_pair.j_label_comp_id 
_ndb_struct_na_base_pair.j_label_seq_id 
_ndb_struct_na_base_pair.j_symmetry 
_ndb_struct_na_base_pair.shear 
_ndb_struct_na_base_pair.stretch 
_ndb_struct_na_base_pair.stagger 
_ndb_struct_na_base_pair.buckle 
_ndb_struct_na_base_pair.propeller 
_ndb_struct_na_base_pair.opening 
_ndb_struct_na_base_pair.pair_number 
_ndb_struct_na_base_pair.pair_name 
_ndb_struct_na_base_pair.i_auth_asym_id 
_ndb_struct_na_base_pair.i_auth_seq_id 
_ndb_struct_na_base_pair.i_PDB_ins_code 
_ndb_struct_na_base_pair.j_auth_asym_id 
_ndb_struct_na_base_pair.j_auth_seq_id 
_ndb_struct_na_base_pair.j_PDB_ins_code 
_ndb_struct_na_base_pair.hbond_type_28 
_ndb_struct_na_base_pair.hbond_type_12 
1 A DA 1 1_555 A DT 8 7_555 0.179  -0.117 -0.088 2.980  -17.009 -7.639 1 A_DA1:DT8_A A 1 ? A 8 ? 20 1 
1 A DC 2 1_555 A DG 7 7_555 0.118  -0.211 0.122  5.995  -13.412 -3.838 2 A_DC2:DG7_A A 2 ? A 7 ? 19 1 
1 A DG 3 1_555 A DC 6 7_555 -0.451 -0.210 0.014  -6.914 -16.372 2.308  3 A_DG3:DC6_A A 3 ? A 6 ? 19 1 
1 A DT 4 1_555 A DA 5 7_555 0.019  -0.357 0.450  -5.491 -8.878  -2.667 4 A_DT4:DA5_A A 4 ? A 5 ? 20 1 
1 A DA 5 1_555 A DT 4 7_555 -0.019 -0.357 0.450  5.491  -8.878  -2.667 5 A_DA5:DT4_A A 5 ? A 4 ? 20 1 
1 A DC 6 1_555 A DG 3 7_555 0.451  -0.210 0.014  6.914  -16.372 2.308  6 A_DC6:DG3_A A 6 ? A 3 ? 19 1 
1 A DG 7 1_555 A DC 2 7_555 -0.118 -0.211 0.122  -5.995 -13.412 -3.838 7 A_DG7:DC2_A A 7 ? A 2 ? 19 1 
1 A DT 8 1_555 A DA 1 7_555 -0.179 -0.117 -0.088 -2.980 -17.009 -7.639 8 A_DT8:DA1_A A 8 ? A 1 ? 20 1 
# 
loop_
_ndb_struct_na_base_pair_step.model_number 
_ndb_struct_na_base_pair_step.i_label_asym_id_1 
_ndb_struct_na_base_pair_step.i_label_comp_id_1 
_ndb_struct_na_base_pair_step.i_label_seq_id_1 
_ndb_struct_na_base_pair_step.i_symmetry_1 
_ndb_struct_na_base_pair_step.j_label_asym_id_1 
_ndb_struct_na_base_pair_step.j_label_comp_id_1 
_ndb_struct_na_base_pair_step.j_label_seq_id_1 
_ndb_struct_na_base_pair_step.j_symmetry_1 
_ndb_struct_na_base_pair_step.i_label_asym_id_2 
_ndb_struct_na_base_pair_step.i_label_comp_id_2 
_ndb_struct_na_base_pair_step.i_label_seq_id_2 
_ndb_struct_na_base_pair_step.i_symmetry_2 
_ndb_struct_na_base_pair_step.j_label_asym_id_2 
_ndb_struct_na_base_pair_step.j_label_comp_id_2 
_ndb_struct_na_base_pair_step.j_label_seq_id_2 
_ndb_struct_na_base_pair_step.j_symmetry_2 
_ndb_struct_na_base_pair_step.shift 
_ndb_struct_na_base_pair_step.slide 
_ndb_struct_na_base_pair_step.rise 
_ndb_struct_na_base_pair_step.tilt 
_ndb_struct_na_base_pair_step.roll 
_ndb_struct_na_base_pair_step.twist 
_ndb_struct_na_base_pair_step.x_displacement 
_ndb_struct_na_base_pair_step.y_displacement 
_ndb_struct_na_base_pair_step.helical_rise 
_ndb_struct_na_base_pair_step.inclination 
_ndb_struct_na_base_pair_step.tip 
_ndb_struct_na_base_pair_step.helical_twist 
_ndb_struct_na_base_pair_step.step_number 
_ndb_struct_na_base_pair_step.step_name 
_ndb_struct_na_base_pair_step.i_auth_asym_id_1 
_ndb_struct_na_base_pair_step.i_auth_seq_id_1 
_ndb_struct_na_base_pair_step.i_PDB_ins_code_1 
_ndb_struct_na_base_pair_step.j_auth_asym_id_1 
_ndb_struct_na_base_pair_step.j_auth_seq_id_1 
_ndb_struct_na_base_pair_step.j_PDB_ins_code_1 
_ndb_struct_na_base_pair_step.i_auth_asym_id_2 
_ndb_struct_na_base_pair_step.i_auth_seq_id_2 
_ndb_struct_na_base_pair_step.i_PDB_ins_code_2 
_ndb_struct_na_base_pair_step.j_auth_asym_id_2 
_ndb_struct_na_base_pair_step.j_auth_seq_id_2 
_ndb_struct_na_base_pair_step.j_PDB_ins_code_2 
1 A DA 1 1_555 A DT 8 7_555 A DC 2 1_555 A DG 7 7_555 0.807  -1.503 3.316 -0.439 3.225  32.586 -3.217 -1.507 3.146 5.730  0.780  
32.744 1 AA_DA1DC2:DG7DT8_AA A 1 ? A 8 ? A 2 ? A 7 ? 
1 A DC 2 1_555 A DG 7 7_555 A DG 3 1_555 A DC 6 7_555 0.305  -1.789 3.413 1.378  13.065 29.208 -5.460 -0.320 2.422 24.411 -2.574 
31.968 2 AA_DC2DG3:DC6DG7_AA A 2 ? A 7 ? A 3 ? A 6 ? 
1 A DG 3 1_555 A DC 6 7_555 A DT 4 1_555 A DA 5 7_555 -0.536 -1.324 3.320 -2.436 -1.144 37.929 -1.884 0.504  3.384 -1.757 3.742  
38.021 3 AA_DG3DT4:DA5DC6_AA A 3 ? A 6 ? A 4 ? A 5 ? 
1 A DT 4 1_555 A DA 5 7_555 A DA 5 1_555 A DT 4 7_555 0.000  -1.719 2.880 0.000  5.131  27.066 -4.656 0.000  2.517 10.840 0.000  
27.539 4 AA_DT4DA5:DT4DA5_AA A 4 ? A 5 ? A 5 ? A 4 ? 
1 A DA 5 1_555 A DT 4 7_555 A DC 6 1_555 A DG 3 7_555 0.536  -1.324 3.320 2.436  -1.144 37.929 -1.884 -0.504 3.384 -1.757 -3.742 
38.021 5 AA_DA5DC6:DG3DT4_AA A 5 ? A 4 ? A 6 ? A 3 ? 
1 A DC 6 1_555 A DG 3 7_555 A DG 7 1_555 A DC 2 7_555 -0.305 -1.789 3.413 -1.378 13.065 29.208 -5.460 0.320  2.422 24.411 2.575  
31.968 6 AA_DC6DG7:DC2DG3_AA A 6 ? A 3 ? A 7 ? A 2 ? 
1 A DG 7 1_555 A DC 2 7_555 A DT 8 1_555 A DA 1 7_555 -0.807 -1.503 3.316 0.439  3.225  32.586 -3.217 1.507  3.146 5.730  -0.780 
32.744 7 AA_DG7DT8:DA1DC2_AA A 7 ? A 2 ? A 8 ? A 1 ? 
# 
_atom_sites.entry_id                    243D 
_atom_sites.fract_transf_matrix[1][1]   0.00301972 
_atom_sites.fract_transf_matrix[1][2]   0.02307155 
_atom_sites.fract_transf_matrix[1][3]   -0.00182770 
_atom_sites.fract_transf_matrix[2][1]   0.01639582 
_atom_sites.fract_transf_matrix[2][2]   -0.00083170 
_atom_sites.fract_transf_matrix[2][3]   0.01659038 
_atom_sites.fract_transf_matrix[3][1]   0.02821505 
_atom_sites.fract_transf_matrix[3][2]   -0.00592541 
_atom_sites.fract_transf_matrix[3][3]   -0.02818121 
_atom_sites.fract_transf_vector[1]      0.744160 
_atom_sites.fract_transf_vector[2]      0.733964 
_atom_sites.fract_transf_vector[3]      0.101597 
# 
loop_
_atom_type.symbol 
C 
N 
O 
P 
# 
loop_
_atom_site.group_PDB 
_atom_site.id 
_atom_site.type_symbol 
_atom_site.label_atom_id 
_atom_site.label_alt_id 
_atom_site.label_comp_id 
_atom_site.label_asym_id 
_atom_site.label_entity_id 
_atom_site.label_seq_id 
_atom_site.pdbx_PDB_ins_code 
_atom_site.Cartn_x 
_atom_site.Cartn_y 
_atom_site.Cartn_z 
_atom_site.occupancy 
_atom_site.B_iso_or_equiv 
_atom_site.pdbx_formal_charge 
_atom_site.auth_seq_id 
_atom_site.auth_comp_id 
_atom_site.auth_asym_id 
_atom_site.auth_atom_id 
_atom_site.pdbx_PDB_model_num 
ATOM   1   O "O5'" . DA  A 1 1 ? -14.818 -1.494  -1.756 1.00 18.40 ? 1  DA  A "O5'" 1 
ATOM   2   C "C5'" . DA  A 1 1 ? -15.238 -1.806  -3.080 1.00 15.03 ? 1  DA  A "C5'" 1 
ATOM   3   C "C4'" . DA  A 1 1 ? -15.018 -0.636  -4.009 1.00 15.97 ? 1  DA  A "C4'" 1 
ATOM   4   O "O4'" . DA  A 1 1 ? -15.468 0.582   -3.378 1.00 15.70 ? 1  DA  A "O4'" 1 
ATOM   5   C "C3'" . DA  A 1 1 ? -13.561 -0.404  -4.409 1.00 15.25 ? 1  DA  A "C3'" 1 
ATOM   6   O "O3'" . DA  A 1 1 ? -13.100 -1.263  -5.468 1.00 17.23 ? 1  DA  A "O3'" 1 
ATOM   7   C "C2'" . DA  A 1 1 ? -13.759 1.009   -4.925 1.00 15.33 ? 1  DA  A "C2'" 1 
ATOM   8   C "C1'" . DA  A 1 1 ? -14.616 1.635   -3.853 1.00 14.84 ? 1  DA  A "C1'" 1 
ATOM   9   N N9    . DA  A 1 1 ? -13.797 2.135   -2.736 1.00 13.33 ? 1  DA  A N9    1 
ATOM   10  C C8    . DA  A 1 1 ? -13.683 1.612   -1.466 1.00 13.19 ? 1  DA  A C8    1 
ATOM   11  N N7    . DA  A 1 1 ? -12.978 2.357   -0.665 1.00 13.86 ? 1  DA  A N7    1 
ATOM   12  C C5    . DA  A 1 1 ? -12.667 3.484   -1.434 1.00 10.60 ? 1  DA  A C5    1 
ATOM   13  C C6    . DA  A 1 1 ? -12.007 4.688   -1.131 1.00 10.01 ? 1  DA  A C6    1 
ATOM   14  N N6    . DA  A 1 1 ? -11.460 4.919   0.065  1.00 7.32  ? 1  DA  A N6    1 
ATOM   15  N N1    . DA  A 1 1 ? -11.930 5.632   -2.086 1.00 6.15  ? 1  DA  A N1    1 
ATOM   16  C C2    . DA  A 1 1 ? -12.459 5.358   -3.272 1.00 11.72 ? 1  DA  A C2    1 
ATOM   17  N N3    . DA  A 1 1 ? -13.173 4.316   -3.674 1.00 11.52 ? 1  DA  A N3    1 
ATOM   18  C C4    . DA  A 1 1 ? -13.231 3.392   -2.677 1.00 14.95 ? 1  DA  A C4    1 
ATOM   19  P P     . DC  A 1 2 ? -11.605 -1.848  -5.629 1.00 17.66 ? 2  DC  A P     1 
ATOM   20  O OP1   . DC  A 1 2 ? -11.656 -2.773  -6.780 1.00 21.96 ? 2  DC  A OP1   1 
ATOM   21  O OP2   . DC  A 1 2 ? -11.136 -2.309  -4.308 1.00 19.01 ? 2  DC  A OP2   1 
ATOM   22  O "O5'" . DC  A 1 2 ? -10.665 -0.650  -6.026 1.00 19.47 ? 2  DC  A "O5'" 1 
ATOM   23  C "C5'" . DC  A 1 2 ? -10.705 -0.091  -7.317 1.00 17.36 ? 2  DC  A "C5'" 1 
ATOM   24  C "C4'" . DC  A 1 2 ? -10.065 1.258   -7.273 1.00 17.96 ? 2  DC  A "C4'" 1 
ATOM   25  O "O4'" . DC  A 1 2 ? -10.728 2.017   -6.260 1.00 14.41 ? 2  DC  A "O4'" 1 
ATOM   26  C "C3'" . DC  A 1 2 ? -8.603  1.185   -6.861 1.00 15.97 ? 2  DC  A "C3'" 1 
ATOM   27  O "O3'" . DC  A 1 2 ? -7.763  0.813   -7.955 1.00 21.66 ? 2  DC  A "O3'" 1 
ATOM   28  C "C2'" . DC  A 1 2 ? -8.440  2.626   -6.477 1.00 14.92 ? 2  DC  A "C2'" 1 
ATOM   29  C "C1'" . DC  A 1 2 ? -9.754  2.933   -5.754 1.00 15.07 ? 2  DC  A "C1'" 1 
ATOM   30  N N1    . DC  A 1 2 ? -9.621  2.825   -4.287 1.00 11.96 ? 2  DC  A N1    1 
ATOM   31  C C2    . DC  A 1 2 ? -9.040  3.919   -3.659 1.00 14.05 ? 2  DC  A C2    1 
ATOM   32  O O2    . DC  A 1 2 ? -8.836  4.960   -4.273 1.00 11.51 ? 2  DC  A O2    1 
ATOM   33  N N3    . DC  A 1 2 ? -8.723  3.820   -2.345 1.00 10.98 ? 2  DC  A N3    1 
ATOM   34  C C4    . DC  A 1 2 ? -9.127  2.763   -1.651 1.00 12.30 ? 2  DC  A C4    1 
ATOM   35  N N4    . DC  A 1 2 ? -9.019  2.829   -0.335 1.00 15.19 ? 2  DC  A N4    1 
ATOM   36  C C5    . DC  A 1 2 ? -9.721  1.601   -2.274 1.00 9.53  ? 2  DC  A C5    1 
ATOM   37  C C6    . DC  A 1 2 ? -9.927  1.678   -3.604 1.00 12.29 ? 2  DC  A C6    1 
ATOM   38  P P     . DG  A 1 3 ? -6.296  0.193   -7.698 1.00 22.27 ? 3  DG  A P     1 
ATOM   39  O OP1   . DG  A 1 3 ? -5.775  -0.277  -9.007 1.00 22.93 ? 3  DG  A OP1   1 
ATOM   40  O OP2   . DG  A 1 3 ? -6.404  -0.714  -6.532 1.00 20.10 ? 3  DG  A OP2   1 
ATOM   41  O "O5'" . DG  A 1 3 ? -5.424  1.445   -7.212 1.00 19.82 ? 3  DG  A "O5'" 1 
ATOM   42  C "C5'" . DG  A 1 3 ? -5.174  2.520   -8.104 1.00 20.81 ? 3  DG  A "C5'" 1 
ATOM   43  C "C4'" . DG  A 1 3 ? -4.576  3.724   -7.390 1.00 16.72 ? 3  DG  A "C4'" 1 
ATOM   44  O "O4'" . DG  A 1 3 ? -5.447  4.094   -6.333 1.00 18.09 ? 3  DG  A "O4'" 1 
ATOM   45  C "C3'" . DG  A 1 3 ? -3.280  3.413   -6.704 1.00 16.55 ? 3  DG  A "C3'" 1 
ATOM   46  O "O3'" . DG  A 1 3 ? -2.232  3.448   -7.655 1.00 17.63 ? 3  DG  A "O3'" 1 
ATOM   47  C "C2'" . DG  A 1 3 ? -3.231  4.582   -5.749 1.00 13.85 ? 3  DG  A "C2'" 1 
ATOM   48  C "C1'" . DG  A 1 3 ? -4.663  4.622   -5.260 1.00 13.53 ? 3  DG  A "C1'" 1 
ATOM   49  N N9    . DG  A 1 3 ? -4.983  3.868   -4.024 1.00 12.37 ? 3  DG  A N9    1 
ATOM   50  C C8    . DG  A 1 3 ? -5.745  2.733   -3.889 1.00 9.54  ? 3  DG  A C8    1 
ATOM   51  N N7    . DG  A 1 3 ? -5.839  2.338   -2.665 1.00 10.87 ? 3  DG  A N7    1 
ATOM   52  C C5    . DG  A 1 3 ? -5.211  3.346   -1.931 1.00 8.48  ? 3  DG  A C5    1 
ATOM   53  C C6    . DG  A 1 3 ? -4.991  3.463   -0.524 1.00 12.83 ? 3  DG  A C6    1 
ATOM   54  O O6    . DG  A 1 3 ? -5.437  2.746   0.378  1.00 8.13  ? 3  DG  A O6    1 
ATOM   55  N N1    . DG  A 1 3 ? -4.194  4.581   -0.227 1.00 10.84 ? 3  DG  A N1    1 
ATOM   56  C C2    . DG  A 1 3 ? -3.668  5.460   -1.165 1.00 12.23 ? 3  DG  A C2    1 
ATOM   57  N N2    . DG  A 1 3 ? -2.933  6.497   -0.751 1.00 13.27 ? 3  DG  A N2    1 
ATOM   58  N N3    . DG  A 1 3 ? -3.923  5.359   -2.455 1.00 10.40 ? 3  DG  A N3    1 
ATOM   59  C C4    . DG  A 1 3 ? -4.736  4.312   -2.759 1.00 10.53 ? 3  DG  A C4    1 
ATOM   60  P P     . DT  A 1 4 ? -0.821  2.794   -7.241 1.00 19.39 ? 4  DT  A P     1 
ATOM   61  O OP1   . DT  A 1 4 ? 0.078   2.966   -8.377 1.00 21.97 ? 4  DT  A OP1   1 
ATOM   62  O OP2   . DT  A 1 4 ? -1.138  1.444   -6.737 1.00 21.21 ? 4  DT  A OP2   1 
ATOM   63  O "O5'" . DT  A 1 4 ? -0.206  3.687   -6.044 1.00 15.07 ? 4  DT  A "O5'" 1 
ATOM   64  C "C5'" . DT  A 1 4 ? 0.321   5.016   -6.212 1.00 14.02 ? 4  DT  A "C5'" 1 
ATOM   65  C "C4'" . DT  A 1 4 ? 0.835   5.660   -4.913 1.00 12.48 ? 4  DT  A "C4'" 1 
ATOM   66  O "O4'" . DT  A 1 4 ? -0.198  5.722   -3.915 1.00 12.95 ? 4  DT  A "O4'" 1 
ATOM   67  C "C3'" . DT  A 1 4 ? 1.912   4.806   -4.335 1.00 15.19 ? 4  DT  A "C3'" 1 
ATOM   68  O "O3'" . DT  A 1 4 ? 3.146   5.103   -4.946 1.00 17.20 ? 4  DT  A "O3'" 1 
ATOM   69  C "C2'" . DT  A 1 4 ? 1.858   5.211   -2.875 1.00 14.36 ? 4  DT  A "C2'" 1 
ATOM   70  C "C1'" . DT  A 1 4 ? 0.366   5.447   -2.617 1.00 14.43 ? 4  DT  A "C1'" 1 
ATOM   71  N N1    . DT  A 1 4 ? -0.323  4.253   -2.033 1.00 12.98 ? 4  DT  A N1    1 
ATOM   72  C C2    . DT  A 1 4 ? -0.302  4.079   -0.658 1.00 12.21 ? 4  DT  A C2    1 
ATOM   73  O O2    . DT  A 1 4 ? 0.364   4.739   0.119  1.00 13.86 ? 4  DT  A O2    1 
ATOM   74  N N3    . DT  A 1 4 ? -1.049  3.034   -0.166 1.00 11.75 ? 4  DT  A N3    1 
ATOM   75  C C4    . DT  A 1 4 ? -1.696  2.071   -0.911 1.00 9.63  ? 4  DT  A C4    1 
ATOM   76  O O4    . DT  A 1 4 ? -2.370  1.205   -0.351 1.00 8.16  ? 4  DT  A O4    1 
ATOM   77  C C5    . DT  A 1 4 ? -1.570  2.243   -2.331 1.00 9.96  ? 4  DT  A C5    1 
ATOM   78  C C7    . DT  A 1 4 ? -2.260  1.274   -3.257 1.00 8.12  ? 4  DT  A C7    1 
ATOM   79  C C6    . DT  A 1 4 ? -0.970  3.337   -2.842 1.00 13.29 ? 4  DT  A C6    1 
ATOM   80  P P     . DA  A 1 5 ? 4.404   4.098   -4.700 1.00 20.27 ? 5  DA  A P     1 
ATOM   81  O OP1   . DA  A 1 5 ? 5.371   4.513   -5.751 1.00 21.56 ? 5  DA  A OP1   1 
ATOM   82  O OP2   . DA  A 1 5 ? 3.905   2.713   -4.634 1.00 19.86 ? 5  DA  A OP2   1 
ATOM   83  O "O5'" . DA  A 1 5 ? 4.994   4.525   -3.266 1.00 18.32 ? 5  DA  A "O5'" 1 
ATOM   84  C "C5'" . DA  A 1 5 ? 5.421   3.582   -2.284 1.00 15.34 ? 5  DA  A "C5'" 1 
ATOM   85  C "C4'" . DA  A 1 5 ? 5.220   4.139   -0.863 1.00 15.26 ? 5  DA  A "C4'" 1 
ATOM   86  O "O4'" . DA  A 1 5 ? 3.820   4.348   -0.456 1.00 14.37 ? 5  DA  A "O4'" 1 
ATOM   87  C "C3'" . DA  A 1 5 ? 5.819   3.187   0.169  1.00 13.07 ? 5  DA  A "C3'" 1 
ATOM   88  O "O3'" . DA  A 1 5 ? 7.234   3.415   0.246  1.00 17.51 ? 5  DA  A "O3'" 1 
ATOM   89  C "C2'" . DA  A 1 5 ? 5.044   3.636   1.412  1.00 11.30 ? 5  DA  A "C2'" 1 
ATOM   90  C "C1'" . DA  A 1 5 ? 3.646   3.846   0.888  1.00 9.69  ? 5  DA  A "C1'" 1 
ATOM   91  N N9    . DA  A 1 5 ? 2.906   2.585   0.824  1.00 10.66 ? 5  DA  A N9    1 
ATOM   92  C C8    . DA  A 1 5 ? 2.400   1.987   -0.311 1.00 9.89  ? 5  DA  A C8    1 
ATOM   93  N N7    . DA  A 1 5 ? 1.510   1.069   -0.069 1.00 9.33  ? 5  DA  A N7    1 
ATOM   94  C C5    . DA  A 1 5 ? 1.511   0.967   1.331  1.00 9.61  ? 5  DA  A C5    1 
ATOM   95  C C6    . DA  A 1 5 ? 0.730   0.225   2.218  1.00 7.88  ? 5  DA  A C6    1 
ATOM   96  N N6    . DA  A 1 5 ? -0.171  -0.649  1.788  1.00 11.01 ? 5  DA  A N6    1 
ATOM   97  N N1    . DA  A 1 5 ? 0.896   0.430   3.540  1.00 9.33  ? 5  DA  A N1    1 
ATOM   98  C C2    . DA  A 1 5 ? 1.660   1.420   3.953  1.00 7.29  ? 5  DA  A C2    1 
ATOM   99  N N3    . DA  A 1 5 ? 2.374   2.247   3.219  1.00 10.28 ? 5  DA  A N3    1 
ATOM   100 C C4    . DA  A 1 5 ? 2.311   1.921   1.893  1.00 9.87  ? 5  DA  A C4    1 
ATOM   101 P P     . DC  A 1 6 ? 8.281   2.201   0.568  1.00 18.57 ? 6  DC  A P     1 
ATOM   102 O OP1   . DC  A 1 6 ? 9.642   2.775   0.545  1.00 18.11 ? 6  DC  A OP1   1 
ATOM   103 O OP2   . DC  A 1 6 ? 7.925   1.010   -0.262 1.00 15.13 ? 6  DC  A OP2   1 
ATOM   104 O "O5'" . DC  A 1 6 ? 7.883   1.806   2.051  1.00 14.11 ? 6  DC  A "O5'" 1 
ATOM   105 C "C5'" . DC  A 1 6 ? 8.170   2.657   3.157  1.00 15.02 ? 6  DC  A "C5'" 1 
ATOM   106 C "C4'" . DC  A 1 6 ? 7.392   2.091   4.372  1.00 15.73 ? 6  DC  A "C4'" 1 
ATOM   107 O "O4'" . DC  A 1 6 ? 5.979   1.994   4.090  1.00 13.29 ? 6  DC  A "O4'" 1 
ATOM   108 C "C3'" . DC  A 1 6 ? 7.786   0.650   4.670  1.00 12.61 ? 6  DC  A "C3'" 1 
ATOM   109 O "O3'" . DC  A 1 6 ? 9.026   0.527   5.408  1.00 18.03 ? 6  DC  A "O3'" 1 
ATOM   110 C "C2'" . DC  A 1 6 ? 6.595   0.310   5.510  1.00 12.20 ? 6  DC  A "C2'" 1 
ATOM   111 C "C1'" . DC  A 1 6 ? 5.441   0.867   4.750  1.00 11.25 ? 6  DC  A "C1'" 1 
ATOM   112 N N1    . DC  A 1 6 ? 4.878   -0.078  3.749  1.00 11.45 ? 6  DC  A N1    1 
ATOM   113 C C2    . DC  A 1 6 ? 3.900   -0.972  4.194  1.00 10.31 ? 6  DC  A C2    1 
ATOM   114 O O2    . DC  A 1 6 ? 3.622   -1.068  5.383  1.00 11.46 ? 6  DC  A O2    1 
ATOM   115 N N3    . DC  A 1 6 ? 3.228   -1.723  3.285  1.00 7.84  ? 6  DC  A N3    1 
ATOM   116 C C4    . DC  A 1 6 ? 3.604   -1.691  1.997  1.00 10.25 ? 6  DC  A C4    1 
ATOM   117 N N4    . DC  A 1 6 ? 3.002   -2.530  1.183  1.00 8.20  ? 6  DC  A N4    1 
ATOM   118 C C5    . DC  A 1 6 ? 4.615   -0.803  1.498  1.00 9.68  ? 6  DC  A C5    1 
ATOM   119 C C6    . DC  A 1 6 ? 5.205   0.003   2.412  1.00 12.04 ? 6  DC  A C6    1 
ATOM   120 P P     . DG  A 1 7 ? 9.916   -0.841  5.284  1.00 19.60 ? 7  DG  A P     1 
ATOM   121 O OP1   . DG  A 1 7 ? 11.198  -0.509  5.962  1.00 20.71 ? 7  DG  A OP1   1 
ATOM   122 O OP2   . DG  A 1 7 ? 9.902   -1.290  3.874  1.00 17.10 ? 7  DG  A OP2   1 
ATOM   123 O "O5'" . DG  A 1 7 ? 9.138   -1.993  6.059  1.00 16.56 ? 7  DG  A "O5'" 1 
ATOM   124 C "C5'" . DG  A 1 7 ? 9.008   -1.994  7.455  1.00 15.20 ? 7  DG  A "C5'" 1 
ATOM   125 C "C4'" . DG  A 1 7 ? 7.940   -2.957  7.898  1.00 17.57 ? 7  DG  A "C4'" 1 
ATOM   126 O "O4'" . DG  A 1 7 ? 6.646   -2.640  7.370  1.00 17.57 ? 7  DG  A "O4'" 1 
ATOM   127 C "C3'" . DG  A 1 7 ? 8.249   -4.413  7.579  1.00 15.54 ? 7  DG  A "C3'" 1 
ATOM   128 O "O3'" . DG  A 1 7 ? 9.186   -4.880  8.543  1.00 20.14 ? 7  DG  A "O3'" 1 
ATOM   129 C "C2'" . DG  A 1 7 ? 6.870   -4.944  7.856  1.00 15.77 ? 7  DG  A "C2'" 1 
ATOM   130 C "C1'" . DG  A 1 7 ? 5.970   -3.882  7.221  1.00 14.72 ? 7  DG  A "C1'" 1 
ATOM   131 N N9    . DG  A 1 7 ? 5.736   -4.185  5.804  1.00 14.17 ? 7  DG  A N9    1 
ATOM   132 C C8    . DG  A 1 7 ? 6.153   -3.541  4.661  1.00 9.52  ? 7  DG  A C8    1 
ATOM   133 N N7    . DG  A 1 7 ? 5.571   -4.004  3.588  1.00 11.79 ? 7  DG  A N7    1 
ATOM   134 C C5    . DG  A 1 7 ? 4.763   -5.071  4.032  1.00 8.22  ? 7  DG  A C5    1 
ATOM   135 C C6    . DG  A 1 7 ? 3.879   -5.940  3.355  1.00 8.05  ? 7  DG  A C6    1 
ATOM   136 O O6    . DG  A 1 7 ? 3.650   -6.020  2.149  1.00 9.29  ? 7  DG  A O6    1 
ATOM   137 N N1    . DG  A 1 7 ? 3.208   -6.786  4.207  1.00 5.13  ? 7  DG  A N1    1 
ATOM   138 C C2    . DG  A 1 7 ? 3.382   -6.848  5.557  1.00 11.32 ? 7  DG  A C2    1 
ATOM   139 N N2    . DG  A 1 7 ? 2.700   -7.787  6.228  1.00 11.47 ? 7  DG  A N2    1 
ATOM   140 N N3    . DG  A 1 7 ? 4.187   -6.039  6.222  1.00 8.57  ? 7  DG  A N3    1 
ATOM   141 C C4    . DG  A 1 7 ? 4.857   -5.189  5.396  1.00 11.94 ? 7  DG  A C4    1 
ATOM   142 P P     . DT  A 1 8 ? 10.010  -6.249  8.392  1.00 16.91 ? 8  DT  A P     1 
ATOM   143 O OP1   . DT  A 1 8 ? 10.966  -6.312  9.529  1.00 19.10 ? 8  DT  A OP1   1 
ATOM   144 O OP2   . DT  A 1 8 ? 10.462  -6.274  6.991  1.00 17.63 ? 8  DT  A OP2   1 
ATOM   145 O "O5'" . DT  A 1 8 ? 8.937   -7.380  8.604  1.00 18.42 ? 8  DT  A "O5'" 1 
ATOM   146 C "C5'" . DT  A 1 8 ? 8.373   -7.798  9.856  1.00 18.05 ? 8  DT  A "C5'" 1 
ATOM   147 C "C4'" . DT  A 1 8 ? 7.337   -8.900  9.630  1.00 20.08 ? 8  DT  A "C4'" 1 
ATOM   148 O "O4'" . DT  A 1 8 ? 6.322   -8.495  8.681  1.00 19.45 ? 8  DT  A "O4'" 1 
ATOM   149 C "C3'" . DT  A 1 8 ? 7.962   -10.138 9.020  1.00 20.56 ? 8  DT  A "C3'" 1 
ATOM   150 O "O3'" . DT  A 1 8 ? 8.456   -11.002 10.031 1.00 25.88 ? 8  DT  A "O3'" 1 
ATOM   151 C "C2'" . DT  A 1 8 ? 6.804   -10.759 8.349  1.00 16.82 ? 8  DT  A "C2'" 1 
ATOM   152 C "C1'" . DT  A 1 8 ? 6.005   -9.598  7.836  1.00 17.68 ? 8  DT  A "C1'" 1 
ATOM   153 N N1    . DT  A 1 8 ? 6.188   -9.292  6.402  1.00 14.96 ? 8  DT  A N1    1 
ATOM   154 C C2    . DT  A 1 8 ? 5.292   -9.909  5.542  1.00 14.01 ? 8  DT  A C2    1 
ATOM   155 O O2    . DT  A 1 8 ? 4.438   -10.683 5.934  1.00 17.93 ? 8  DT  A O2    1 
ATOM   156 N N3    . DT  A 1 8 ? 5.355   -9.593  4.219  1.00 10.01 ? 8  DT  A N3    1 
ATOM   157 C C4    . DT  A 1 8 ? 6.172   -8.614  3.680  1.00 13.63 ? 8  DT  A C4    1 
ATOM   158 O O4    . DT  A 1 8 ? 6.018   -8.288  2.513  1.00 14.69 ? 8  DT  A O4    1 
ATOM   159 C C5    . DT  A 1 8 ? 7.101   -8.013  4.632  1.00 12.50 ? 8  DT  A C5    1 
ATOM   160 C C7    . DT  A 1 8 ? 8.114   -6.982  4.158  1.00 10.68 ? 8  DT  A C7    1 
ATOM   161 C C6    . DT  A 1 8 ? 7.052   -8.332  5.942  1.00 11.78 ? 8  DT  A C6    1 
HETATM 162 O O     . HOH B 2 . ? 6.901   -3.879  1.119  1.00 30.58 ? 9  HOH A O     1 
HETATM 163 O O     . HOH B 2 . ? -13.177 -5.147  -6.640 1.00 28.67 ? 10 HOH A O     1 
HETATM 164 O O     . HOH B 2 . ? 3.590   4.550   4.416  1.00 18.52 ? 11 HOH A O     1 
HETATM 165 O O     . HOH B 2 . ? -2.698  7.305   -3.908 1.00 29.33 ? 12 HOH A O     1 
HETATM 166 O O     . HOH B 2 . ? 5.942   5.652   4.761  1.00 21.96 ? 13 HOH A O     1 
HETATM 167 O O     . HOH B 2 . ? 7.387   -6.845  0.609  1.00 28.86 ? 14 HOH A O     1 
HETATM 168 O O     . HOH B 2 . ? -7.570  -3.432  -6.885 1.00 40.21 ? 15 HOH A O     1 
HETATM 169 O O     . HOH B 2 . ? 12.113  -7.940  5.873  1.00 27.31 ? 16 HOH A O     1 
HETATM 170 O O     . HOH B 2 . ? -6.896  -0.344  -2.108 1.00 31.52 ? 17 HOH A O     1 
HETATM 171 O O     . HOH B 2 . ? 8.581   2.038   -4.150 1.00 30.76 ? 18 HOH A O     1 
HETATM 172 O O     . HOH B 2 . ? 11.925  1.259   1.465  1.00 30.21 ? 19 HOH A O     1 
HETATM 173 O O     . HOH B 2 . ? 13.917  -7.325  3.960  1.00 48.47 ? 20 HOH A O     1 
HETATM 174 O O     . HOH B 2 . ? 11.513  -5.281  4.825  1.00 38.65 ? 21 HOH A O     1 
HETATM 175 O O     . HOH B 2 . ? 4.608   6.621   -7.405 1.00 39.96 ? 22 HOH A O     1 
HETATM 176 O O     . HOH B 2 . ? 12.394  -1.334  1.966  1.00 55.78 ? 23 HOH A O     1 
HETATM 177 O O     . HOH B 2 . ? -11.860 -1.392  -1.749 1.00 46.25 ? 24 HOH A O     1 
HETATM 178 O O     . HOH B 2 . ? -10.799 6.720   -5.926 1.00 44.52 ? 25 HOH A O     1 
HETATM 179 O O     . HOH B 2 . ? 0.637   -0.717  -2.077 1.00 40.95 ? 26 HOH A O     1 
HETATM 180 O O     . HOH B 2 . ? 1.079   -0.221  -4.837 1.00 45.09 ? 27 HOH A O     1 
HETATM 181 O O     . HOH B 2 . ? 12.050  2.933   4.063  1.00 43.47 ? 28 HOH A O     1 
# 
